data_1SUL
#
_entry.id   1SUL
#
_cell.length_a   145.670
_cell.length_b   36.520
_cell.length_c   83.253
_cell.angle_alpha   90.00
_cell.angle_beta   122.16
_cell.angle_gamma   90.00
#
_symmetry.space_group_name_H-M   'C 1 2 1'
#
loop_
_entity.id
_entity.type
_entity.pdbx_description
1 polymer 'GTP-binding protein YsxC'
2 water water
#
_entity_poly.entity_id   1
_entity_poly.type   'polypeptide(L)'
_entity_poly.pdbx_seq_one_letter_code
;MKVTKSEIVISAVKPEQYPEGGLPEIALAGRSNVGKSSFINSLINRKNLARTSSKPGKTQTLNFYIINDELHFVDVPGYG
FAKVSKSEREAWGRMIETYITTREELKAVVQIVDLRHAPSNDDVQMYEFLKYYGIPVIVIATKADKIPKGKWDKHAKVVR
QTLNIDPEDELILFSSETKKGKDEAWGAIKKMINR
;
_entity_poly.pdbx_strand_id   A,B
#
# COMPACT_ATOMS: atom_id res chain seq x y z
N MET A 1 -20.67 24.18 -5.49
CA MET A 1 -20.14 22.78 -5.55
C MET A 1 -21.10 21.75 -4.96
N LYS A 2 -21.67 20.95 -5.85
CA LYS A 2 -22.59 19.88 -5.45
C LYS A 2 -21.93 18.55 -5.84
N VAL A 3 -21.69 17.70 -4.85
CA VAL A 3 -21.00 16.44 -5.08
C VAL A 3 -21.95 15.36 -5.56
N THR A 4 -21.85 15.08 -6.85
CA THR A 4 -22.73 14.11 -7.49
C THR A 4 -22.01 12.80 -7.64
N LYS A 5 -20.74 12.75 -7.21
CA LYS A 5 -19.97 11.55 -7.41
C LYS A 5 -18.73 11.48 -6.51
N SER A 6 -18.59 10.35 -5.80
CA SER A 6 -17.39 10.15 -5.00
C SER A 6 -17.12 8.67 -4.78
N GLU A 7 -15.88 8.27 -4.99
CA GLU A 7 -15.53 6.90 -4.72
C GLU A 7 -14.09 6.79 -4.32
N ILE A 8 -13.77 5.72 -3.60
CA ILE A 8 -12.39 5.51 -3.23
C ILE A 8 -11.69 4.95 -4.48
N VAL A 9 -10.41 5.26 -4.65
CA VAL A 9 -9.67 4.84 -5.84
C VAL A 9 -8.56 3.84 -5.50
N ILE A 10 -7.78 4.15 -4.48
CA ILE A 10 -6.71 3.22 -4.07
C ILE A 10 -6.18 3.59 -2.69
N SER A 11 -5.58 2.64 -2.01
CA SER A 11 -4.90 2.87 -0.74
C SER A 11 -3.46 2.61 -1.07
N ALA A 12 -2.71 3.69 -1.26
CA ALA A 12 -1.33 3.63 -1.75
C ALA A 12 -0.29 3.82 -0.65
N VAL A 13 0.89 3.22 -0.84
CA VAL A 13 2.04 3.45 0.06
C VAL A 13 3.26 4.06 -0.63
N LYS A 14 3.27 4.14 -1.96
CA LYS A 14 4.47 4.64 -2.67
C LYS A 14 4.03 5.28 -3.96
N PRO A 15 4.88 6.11 -4.54
CA PRO A 15 4.51 6.84 -5.75
C PRO A 15 4.01 6.01 -6.94
N GLU A 16 4.54 4.82 -7.16
CA GLU A 16 4.13 3.95 -8.29
C GLU A 16 2.66 3.63 -8.19
N GLN A 17 2.09 3.72 -7.01
CA GLN A 17 0.65 3.44 -6.83
C GLN A 17 -0.28 4.64 -6.80
N TYR A 18 0.25 5.85 -6.89
CA TYR A 18 -0.62 7.02 -6.88
C TYR A 18 -1.37 7.02 -8.22
N PRO A 19 -2.60 7.47 -8.20
CA PRO A 19 -3.41 7.47 -9.42
C PRO A 19 -2.84 8.44 -10.45
N GLU A 20 -3.15 8.16 -11.72
CA GLU A 20 -2.76 8.97 -12.87
C GLU A 20 -3.90 9.92 -13.23
N GLY A 21 -3.69 10.78 -14.22
CA GLY A 21 -4.74 11.71 -14.64
C GLY A 21 -4.45 13.18 -14.41
N GLY A 22 -3.54 13.47 -13.49
CA GLY A 22 -3.14 14.84 -13.22
C GLY A 22 -4.19 15.76 -12.63
N LEU A 23 -5.27 15.18 -12.11
CA LEU A 23 -6.30 15.96 -11.46
C LEU A 23 -5.69 16.54 -10.18
N PRO A 24 -6.09 17.76 -9.82
CA PRO A 24 -5.59 18.41 -8.60
C PRO A 24 -5.92 17.57 -7.39
N GLU A 25 -5.13 17.74 -6.33
CA GLU A 25 -5.27 16.97 -5.13
C GLU A 25 -5.29 17.86 -3.87
N ILE A 26 -6.16 17.48 -2.96
CA ILE A 26 -6.29 18.12 -1.66
C ILE A 26 -6.07 17.04 -0.63
N ALA A 27 -5.02 17.19 0.18
CA ALA A 27 -4.76 16.18 1.19
C ALA A 27 -5.41 16.60 2.47
N LEU A 28 -5.79 15.63 3.27
CA LEU A 28 -6.40 15.93 4.55
C LEU A 28 -5.59 15.34 5.71
N ALA A 29 -5.31 16.17 6.74
CA ALA A 29 -4.53 15.73 7.88
C ALA A 29 -5.24 16.07 9.18
N GLY A 30 -5.13 15.19 10.15
CA GLY A 30 -5.68 15.48 11.48
C GLY A 30 -5.02 14.58 12.49
N ARG A 31 -5.14 14.95 13.77
CA ARG A 31 -4.59 14.13 14.80
C ARG A 31 -5.29 12.78 14.88
N SER A 32 -6.57 12.73 14.54
CA SER A 32 -7.32 11.48 14.71
C SER A 32 -8.05 11.00 13.43
N ASN A 33 -8.02 9.69 13.17
CA ASN A 33 -8.65 9.18 11.95
C ASN A 33 -10.17 9.31 11.92
N VAL A 34 -10.81 8.98 13.03
CA VAL A 34 -12.25 9.05 13.09
C VAL A 34 -12.80 10.43 12.77
N GLY A 35 -12.21 11.45 13.37
CA GLY A 35 -12.61 12.83 13.12
C GLY A 35 -12.41 13.21 11.67
N LYS A 36 -11.27 12.81 11.14
CA LYS A 36 -10.93 13.11 9.76
C LYS A 36 -11.95 12.50 8.77
N SER A 37 -12.23 11.21 8.93
CA SER A 37 -13.19 10.50 8.06
C SER A 37 -14.54 11.19 8.10
N SER A 38 -14.93 11.56 9.31
CA SER A 38 -16.17 12.28 9.51
C SER A 38 -16.24 13.58 8.69
N PHE A 39 -15.16 14.36 8.73
CA PHE A 39 -15.14 15.60 7.97
C PHE A 39 -15.27 15.34 6.48
N ILE A 40 -14.57 14.33 5.99
CA ILE A 40 -14.57 14.07 4.55
C ILE A 40 -15.97 13.66 4.07
N ASN A 41 -16.61 12.80 4.86
CA ASN A 41 -17.95 12.35 4.52
C ASN A 41 -18.94 13.52 4.46
N SER A 42 -18.79 14.50 5.36
CA SER A 42 -19.74 15.62 5.37
C SER A 42 -19.50 16.51 4.18
N LEU A 43 -18.25 16.59 3.69
CA LEU A 43 -18.02 17.40 2.49
C LEU A 43 -18.64 16.82 1.25
N ILE A 44 -18.80 15.50 1.22
CA ILE A 44 -19.34 14.88 0.02
C ILE A 44 -20.71 14.25 0.19
N ASN A 45 -21.41 14.64 1.25
CA ASN A 45 -22.78 14.21 1.52
C ASN A 45 -22.91 12.70 1.64
N ARG A 46 -22.00 12.10 2.40
CA ARG A 46 -22.03 10.66 2.63
C ARG A 46 -21.79 10.39 4.12
N LYS A 47 -22.03 9.15 4.53
CA LYS A 47 -21.80 8.75 5.90
C LYS A 47 -20.70 7.71 6.03
N ASN A 48 -20.44 6.98 4.96
CA ASN A 48 -19.54 5.84 5.04
C ASN A 48 -18.44 5.71 4.01
N LEU A 49 -18.25 6.69 3.15
CA LEU A 49 -17.28 6.57 2.07
C LEU A 49 -15.82 6.54 2.59
N ALA A 50 -15.42 7.51 3.38
CA ALA A 50 -14.08 7.46 3.95
C ALA A 50 -14.03 6.42 5.07
N GLN A 60 -0.87 1.44 7.29
CA GLN A 60 -0.96 2.89 7.03
C GLN A 60 -0.83 3.22 5.55
N THR A 61 -1.82 3.93 5.02
CA THR A 61 -1.78 4.26 3.62
C THR A 61 -2.42 5.59 3.30
N LEU A 62 -2.00 6.17 2.19
CA LEU A 62 -2.68 7.35 1.65
C LEU A 62 -3.89 6.84 0.88
N ASN A 63 -5.08 7.24 1.32
CA ASN A 63 -6.32 6.81 0.68
C ASN A 63 -6.84 7.90 -0.27
N PHE A 64 -6.84 7.61 -1.57
CA PHE A 64 -7.26 8.57 -2.57
C PHE A 64 -8.73 8.34 -2.89
N TYR A 65 -9.45 9.44 -3.01
CA TYR A 65 -10.86 9.41 -3.34
C TYR A 65 -11.10 10.37 -4.47
N ILE A 66 -11.75 9.92 -5.55
CA ILE A 66 -12.07 10.81 -6.64
C ILE A 66 -13.43 11.47 -6.39
N ILE A 67 -13.47 12.79 -6.51
CA ILE A 67 -14.69 13.57 -6.26
C ILE A 67 -15.11 14.27 -7.55
N ASN A 68 -16.37 14.09 -7.95
CA ASN A 68 -16.91 14.68 -9.19
C ASN A 68 -15.95 14.63 -10.37
N ASP A 69 -15.17 13.56 -10.48
CA ASP A 69 -14.18 13.49 -11.54
C ASP A 69 -13.40 14.79 -11.75
N GLU A 70 -13.09 15.54 -10.69
CA GLU A 70 -12.38 16.79 -10.86
C GLU A 70 -11.17 16.97 -9.94
N LEU A 71 -11.15 16.20 -8.85
CA LEU A 71 -10.06 16.24 -7.91
C LEU A 71 -10.04 14.97 -7.08
N HIS A 72 -8.89 14.67 -6.52
CA HIS A 72 -8.84 13.62 -5.49
C HIS A 72 -8.67 14.24 -4.12
N PHE A 73 -9.36 13.69 -3.12
CA PHE A 73 -9.04 13.95 -1.72
C PHE A 73 -7.98 12.89 -1.37
N VAL A 74 -6.96 13.28 -0.63
CA VAL A 74 -5.96 12.35 -0.20
C VAL A 74 -5.91 12.33 1.33
N ASP A 75 -6.42 11.25 1.90
CA ASP A 75 -6.52 11.06 3.33
C ASP A 75 -5.21 10.57 3.90
N VAL A 76 -4.62 11.42 4.71
CA VAL A 76 -3.36 11.13 5.37
C VAL A 76 -3.62 10.52 6.75
N PRO A 77 -3.00 9.38 7.05
CA PRO A 77 -3.25 8.71 8.34
C PRO A 77 -2.95 9.67 9.49
N GLY A 78 -3.77 9.68 10.54
CA GLY A 78 -3.61 10.58 11.67
C GLY A 78 -2.21 10.75 12.24
N TYR A 79 -1.88 11.95 12.69
CA TYR A 79 -0.54 12.20 13.23
C TYR A 79 -0.43 12.20 14.75
N GLY A 80 -1.39 11.56 15.42
CA GLY A 80 -1.31 11.44 16.86
C GLY A 80 -0.35 10.33 17.24
N PHE A 81 0.87 10.67 17.64
CA PHE A 81 1.90 9.62 17.82
C PHE A 81 2.27 9.16 19.24
N ALA A 82 1.53 9.60 20.25
CA ALA A 82 1.86 9.21 21.63
C ALA A 82 2.07 7.70 21.75
N LYS A 83 1.19 6.94 21.12
CA LYS A 83 1.21 5.49 21.19
C LYS A 83 1.70 4.81 19.92
N VAL A 84 2.40 5.55 19.08
CA VAL A 84 2.94 4.93 17.88
C VAL A 84 4.45 4.77 18.02
N SER A 85 4.92 3.58 17.68
CA SER A 85 6.34 3.25 17.78
C SER A 85 7.17 4.22 16.96
N LYS A 86 8.42 4.41 17.37
CA LYS A 86 9.34 5.27 16.63
C LYS A 86 9.44 4.80 15.17
N SER A 87 9.30 3.49 14.99
CA SER A 87 9.44 2.86 13.70
C SER A 87 8.30 3.25 12.77
N GLU A 88 7.07 3.12 13.25
CA GLU A 88 5.91 3.45 12.45
C GLU A 88 5.89 4.96 12.17
N ARG A 89 6.35 5.74 13.13
CA ARG A 89 6.45 7.17 12.97
C ARG A 89 7.38 7.51 11.81
N GLU A 90 8.54 6.85 11.76
CA GLU A 90 9.47 7.07 10.66
C GLU A 90 8.87 6.65 9.34
N ALA A 91 8.13 5.54 9.32
CA ALA A 91 7.52 5.09 8.08
C ALA A 91 6.44 6.11 7.64
N TRP A 92 5.70 6.66 8.60
CA TRP A 92 4.67 7.64 8.26
C TRP A 92 5.39 8.83 7.68
N GLY A 93 6.57 9.13 8.24
CA GLY A 93 7.37 10.25 7.79
C GLY A 93 7.89 10.12 6.37
N ARG A 94 8.46 8.97 6.02
CA ARG A 94 8.89 8.77 4.63
C ARG A 94 7.68 8.83 3.69
N MET A 95 6.55 8.28 4.12
CA MET A 95 5.36 8.25 3.27
C MET A 95 4.83 9.64 2.96
N ILE A 96 4.58 10.43 3.99
CA ILE A 96 4.07 11.78 3.78
C ILE A 96 5.08 12.72 3.12
N GLU A 97 6.35 12.66 3.51
CA GLU A 97 7.35 13.54 2.94
C GLU A 97 7.58 13.26 1.46
N THR A 98 7.49 11.98 1.09
CA THR A 98 7.67 11.56 -0.31
C THR A 98 6.49 12.14 -1.10
N TYR A 99 5.30 11.98 -0.57
CA TYR A 99 4.12 12.53 -1.22
C TYR A 99 4.25 14.08 -1.38
N ILE A 100 4.44 14.79 -0.28
CA ILE A 100 4.51 16.27 -0.35
C ILE A 100 5.61 16.84 -1.28
N THR A 101 6.78 16.22 -1.28
CA THR A 101 7.85 16.73 -2.12
C THR A 101 7.82 16.29 -3.58
N THR A 102 7.03 15.27 -3.92
CA THR A 102 7.01 14.82 -5.33
C THR A 102 5.68 14.96 -6.03
N ARG A 103 4.58 15.17 -5.29
CA ARG A 103 3.29 15.18 -5.93
C ARG A 103 2.95 16.55 -6.50
N GLU A 104 3.10 16.69 -7.82
CA GLU A 104 2.85 17.95 -8.49
C GLU A 104 1.41 18.38 -8.33
N GLU A 105 0.51 17.41 -8.28
CA GLU A 105 -0.93 17.63 -8.20
C GLU A 105 -1.38 18.28 -6.91
N LEU A 106 -0.57 18.16 -5.85
CA LEU A 106 -1.01 18.67 -4.54
C LEU A 106 -1.12 20.18 -4.52
N LYS A 107 -2.33 20.67 -4.25
CA LYS A 107 -2.56 22.11 -4.24
C LYS A 107 -2.71 22.74 -2.84
N ALA A 108 -3.15 21.95 -1.86
CA ALA A 108 -3.31 22.46 -0.49
C ALA A 108 -3.54 21.27 0.44
N VAL A 109 -3.33 21.49 1.73
CA VAL A 109 -3.65 20.50 2.74
C VAL A 109 -4.76 21.07 3.64
N VAL A 110 -5.81 20.31 3.89
CA VAL A 110 -6.83 20.72 4.85
C VAL A 110 -6.38 20.10 6.18
N GLN A 111 -6.13 20.91 7.21
CA GLN A 111 -5.74 20.39 8.53
C GLN A 111 -6.94 20.50 9.46
N ILE A 112 -7.35 19.38 10.03
CA ILE A 112 -8.55 19.35 10.85
C ILE A 112 -8.22 19.36 12.33
N VAL A 113 -8.86 20.29 13.05
CA VAL A 113 -8.67 20.40 14.50
C VAL A 113 -10.02 20.60 15.14
N ASP A 114 -10.06 20.55 16.46
CA ASP A 114 -11.32 20.64 17.20
C ASP A 114 -11.50 22.06 17.71
N LEU A 115 -12.63 22.70 17.38
CA LEU A 115 -12.91 24.06 17.84
C LEU A 115 -13.05 24.21 19.37
N ARG A 116 -13.49 23.14 20.04
CA ARG A 116 -13.79 23.18 21.46
C ARG A 116 -12.59 23.45 22.37
N HIS A 117 -11.38 23.10 21.96
CA HIS A 117 -10.24 23.28 22.87
C HIS A 117 -8.94 23.54 22.12
N ALA A 118 -7.92 23.99 22.84
CA ALA A 118 -6.65 24.35 22.21
C ALA A 118 -6.07 23.16 21.45
N PRO A 119 -5.60 23.43 20.23
CA PRO A 119 -4.87 22.45 19.42
C PRO A 119 -3.69 21.87 20.24
N SER A 120 -3.38 20.60 19.99
CA SER A 120 -2.29 19.91 20.71
C SER A 120 -0.96 20.27 20.10
N ASN A 121 0.14 19.92 20.77
CA ASN A 121 1.44 20.21 20.23
C ASN A 121 1.62 19.47 18.93
N ASP A 122 0.98 18.30 18.81
CA ASP A 122 1.05 17.53 17.57
C ASP A 122 0.39 18.31 16.40
N ASP A 123 -0.72 19.03 16.65
CA ASP A 123 -1.34 19.85 15.61
C ASP A 123 -0.39 21.00 15.24
N VAL A 124 0.24 21.61 16.25
CA VAL A 124 1.19 22.69 16.03
C VAL A 124 2.39 22.24 15.19
N GLN A 125 2.98 21.11 15.57
CA GLN A 125 4.11 20.56 14.82
C GLN A 125 3.68 20.24 13.36
N MET A 126 2.51 19.62 13.17
CA MET A 126 2.05 19.35 11.79
C MET A 126 1.89 20.64 10.97
N TYR A 127 1.35 21.68 11.61
CA TYR A 127 1.13 22.95 10.91
C TYR A 127 2.49 23.54 10.53
N GLU A 128 3.43 23.56 11.49
CA GLU A 128 4.77 24.03 11.22
C GLU A 128 5.43 23.25 10.06
N PHE A 129 5.26 21.94 10.04
CA PHE A 129 5.86 21.08 9.03
C PHE A 129 5.31 21.41 7.64
N LEU A 130 3.99 21.55 7.57
CA LEU A 130 3.35 21.95 6.33
C LEU A 130 3.84 23.34 5.86
N LYS A 131 3.94 24.31 6.75
CA LYS A 131 4.37 25.65 6.30
C LYS A 131 5.87 25.69 5.91
N TYR A 132 6.66 24.85 6.51
CA TYR A 132 8.05 24.78 6.14
C TYR A 132 8.14 24.51 4.63
N TYR A 133 7.27 23.64 4.12
CA TYR A 133 7.27 23.31 2.70
C TYR A 133 6.54 24.36 1.87
N GLY A 134 5.92 25.34 2.52
CA GLY A 134 5.21 26.38 1.77
C GLY A 134 3.93 25.90 1.08
N ILE A 135 3.26 24.93 1.70
CA ILE A 135 2.00 24.38 1.22
C ILE A 135 0.87 25.18 1.82
N PRO A 136 -0.08 25.59 1.02
CA PRO A 136 -1.24 26.29 1.54
C PRO A 136 -2.05 25.33 2.41
N VAL A 137 -2.49 25.85 3.52
CA VAL A 137 -3.21 25.03 4.45
C VAL A 137 -4.55 25.67 4.73
N ILE A 138 -5.59 24.85 4.70
CA ILE A 138 -6.90 25.31 5.08
C ILE A 138 -7.13 24.68 6.45
N VAL A 139 -7.17 25.49 7.49
CA VAL A 139 -7.44 24.98 8.82
C VAL A 139 -8.94 24.93 9.07
N ILE A 140 -9.43 23.74 9.43
CA ILE A 140 -10.84 23.52 9.72
C ILE A 140 -11.01 23.25 11.20
N ALA A 141 -11.78 24.06 11.91
CA ALA A 141 -12.02 23.84 13.32
C ALA A 141 -13.40 23.19 13.48
N THR A 142 -13.47 21.93 13.85
CA THR A 142 -14.76 21.24 13.86
C THR A 142 -15.56 21.34 15.16
N LYS A 143 -16.71 20.68 15.14
CA LYS A 143 -17.61 20.59 16.30
C LYS A 143 -18.20 21.95 16.67
N ALA A 144 -18.35 22.85 15.69
CA ALA A 144 -18.80 24.19 16.04
C ALA A 144 -20.21 24.20 16.58
N ASP A 145 -20.98 23.17 16.27
CA ASP A 145 -22.36 23.17 16.75
C ASP A 145 -22.40 22.98 18.25
N LYS A 146 -21.33 22.48 18.85
CA LYS A 146 -21.27 22.29 20.31
C LYS A 146 -20.92 23.56 21.10
N ILE A 147 -20.61 24.65 20.41
CA ILE A 147 -20.23 25.88 21.09
C ILE A 147 -21.24 26.98 20.80
N PRO A 148 -21.69 27.68 21.83
CA PRO A 148 -22.64 28.80 21.65
C PRO A 148 -22.06 29.80 20.66
N LYS A 149 -22.90 30.38 19.81
CA LYS A 149 -22.42 31.32 18.80
C LYS A 149 -21.64 32.47 19.39
N GLY A 150 -22.10 32.97 20.54
CA GLY A 150 -21.43 34.07 21.21
C GLY A 150 -19.97 33.78 21.61
N LYS A 151 -19.62 32.49 21.63
CA LYS A 151 -18.25 32.07 21.98
C LYS A 151 -17.42 31.59 20.79
N TRP A 152 -18.02 31.56 19.59
CA TRP A 152 -17.25 31.14 18.41
C TRP A 152 -15.94 31.91 18.21
N ASP A 153 -16.00 33.23 18.37
CA ASP A 153 -14.80 34.03 18.13
C ASP A 153 -13.70 33.72 19.14
N LYS A 154 -14.06 33.62 20.41
CA LYS A 154 -13.10 33.23 21.42
C LYS A 154 -12.44 31.90 21.06
N HIS A 155 -13.24 30.92 20.65
CA HIS A 155 -12.68 29.60 20.38
C HIS A 155 -11.81 29.65 19.13
N ALA A 156 -12.25 30.41 18.13
CA ALA A 156 -11.45 30.59 16.93
C ALA A 156 -10.08 31.17 17.29
N LYS A 157 -10.08 32.19 18.13
CA LYS A 157 -8.82 32.84 18.46
C LYS A 157 -7.85 31.90 19.13
N VAL A 158 -8.36 31.01 19.97
CA VAL A 158 -7.52 30.02 20.65
C VAL A 158 -6.87 29.10 19.61
N VAL A 159 -7.67 28.63 18.65
CA VAL A 159 -7.08 27.81 17.59
C VAL A 159 -6.02 28.60 16.79
N ARG A 160 -6.38 29.78 16.36
CA ARG A 160 -5.48 30.57 15.52
C ARG A 160 -4.16 30.89 16.24
N GLN A 161 -4.27 31.30 17.49
CA GLN A 161 -3.08 31.70 18.21
C GLN A 161 -2.22 30.52 18.62
N THR A 162 -2.85 29.39 18.88
CA THR A 162 -2.12 28.17 19.19
C THR A 162 -1.30 27.70 18.00
N LEU A 163 -1.92 27.62 16.84
CA LEU A 163 -1.21 27.19 15.64
C LEU A 163 -0.32 28.31 15.09
N ASN A 164 -0.58 29.54 15.48
CA ASN A 164 0.09 30.68 14.86
C ASN A 164 -0.15 30.68 13.33
N ILE A 165 -1.43 30.65 12.95
CA ILE A 165 -1.80 30.60 11.56
C ILE A 165 -1.21 31.72 10.70
N ASP A 166 -0.62 31.32 9.58
CA ASP A 166 -0.10 32.27 8.62
C ASP A 166 -1.24 33.10 8.03
N PRO A 167 -1.01 34.40 7.82
CA PRO A 167 -2.02 35.31 7.30
C PRO A 167 -2.61 34.90 5.94
N GLU A 168 -1.89 34.10 5.15
CA GLU A 168 -2.41 33.65 3.85
C GLU A 168 -3.33 32.41 3.93
N ASP A 169 -3.36 31.76 5.09
CA ASP A 169 -4.15 30.55 5.26
C ASP A 169 -5.51 30.87 5.85
N GLU A 170 -6.53 30.16 5.44
CA GLU A 170 -7.85 30.38 6.01
C GLU A 170 -8.12 29.52 7.26
N LEU A 171 -8.92 30.08 8.18
CA LEU A 171 -9.44 29.29 9.31
C LEU A 171 -10.95 29.24 9.15
N ILE A 172 -11.49 28.04 9.06
CA ILE A 172 -12.90 27.88 8.83
C ILE A 172 -13.56 27.09 9.94
N LEU A 173 -14.61 27.63 10.54
CA LEU A 173 -15.29 26.91 11.60
C LEU A 173 -16.34 26.03 10.94
N PHE A 174 -16.42 24.79 11.41
CA PHE A 174 -17.18 23.77 10.70
C PHE A 174 -17.99 22.88 11.65
N SER A 175 -19.12 22.42 11.16
CA SER A 175 -19.89 21.40 11.83
C SER A 175 -20.38 20.31 10.89
N SER A 176 -20.01 19.09 11.22
CA SER A 176 -20.48 17.95 10.48
C SER A 176 -21.98 17.73 10.66
N GLU A 177 -22.57 18.33 11.69
CA GLU A 177 -24.01 18.18 11.94
C GLU A 177 -24.85 19.22 11.19
N THR A 178 -24.56 20.49 11.42
CA THR A 178 -25.32 21.52 10.71
C THR A 178 -24.73 21.79 9.35
N LYS A 179 -23.58 21.22 9.04
CA LYS A 179 -22.91 21.50 7.77
C LYS A 179 -22.38 22.96 7.70
N LYS A 180 -22.34 23.63 8.85
CA LYS A 180 -21.73 24.95 8.90
C LYS A 180 -20.32 24.81 8.34
N GLY A 181 -19.89 25.77 7.53
CA GLY A 181 -18.57 25.82 6.96
C GLY A 181 -18.34 24.92 5.74
N LYS A 182 -19.37 24.18 5.35
CA LYS A 182 -19.23 23.27 4.22
C LYS A 182 -19.05 24.02 2.90
N ASP A 183 -19.90 25.01 2.66
CA ASP A 183 -19.79 25.81 1.45
C ASP A 183 -18.44 26.50 1.46
N GLU A 184 -18.07 27.06 2.60
CA GLU A 184 -16.82 27.79 2.72
C GLU A 184 -15.58 26.93 2.49
N ALA A 185 -15.59 25.72 3.03
CA ALA A 185 -14.50 24.79 2.85
C ALA A 185 -14.39 24.49 1.36
N TRP A 186 -15.52 24.17 0.74
CA TRP A 186 -15.50 23.96 -0.71
C TRP A 186 -14.97 25.19 -1.47
N GLY A 187 -15.40 26.38 -1.05
CA GLY A 187 -14.88 27.61 -1.67
C GLY A 187 -13.36 27.73 -1.60
N ALA A 188 -12.78 27.46 -0.42
CA ALA A 188 -11.31 27.56 -0.28
C ALA A 188 -10.64 26.44 -1.06
N ILE A 189 -11.27 25.27 -1.10
CA ILE A 189 -10.71 24.17 -1.88
C ILE A 189 -10.66 24.57 -3.36
N LYS A 190 -11.76 25.14 -3.88
CA LYS A 190 -11.78 25.58 -5.28
C LYS A 190 -10.74 26.66 -5.54
N LYS A 191 -10.58 27.59 -4.61
CA LYS A 191 -9.57 28.64 -4.76
C LYS A 191 -8.17 28.01 -4.94
N MET A 192 -7.87 26.95 -4.18
CA MET A 192 -6.56 26.34 -4.28
C MET A 192 -6.39 25.46 -5.51
N ILE A 193 -7.45 24.83 -5.96
CA ILE A 193 -7.36 23.96 -7.11
C ILE A 193 -7.27 24.73 -8.42
N ASN A 194 -7.69 26.00 -8.45
CA ASN A 194 -7.70 26.78 -9.69
C ASN A 194 -6.70 27.93 -9.71
N ARG A 195 -5.60 27.75 -9.00
CA ARG A 195 -4.56 28.77 -8.96
C ARG A 195 -3.57 28.45 -10.06
N MET B 1 -6.93 -27.42 -0.19
CA MET B 1 -5.62 -27.94 0.30
C MET B 1 -5.41 -27.47 1.72
N LYS B 2 -6.02 -28.17 2.67
CA LYS B 2 -5.83 -27.82 4.07
C LYS B 2 -4.47 -28.31 4.57
N VAL B 3 -3.65 -27.36 4.98
CA VAL B 3 -2.31 -27.66 5.45
C VAL B 3 -2.37 -27.95 6.93
N THR B 4 -1.98 -29.17 7.31
CA THR B 4 -1.96 -29.56 8.72
C THR B 4 -0.54 -29.64 9.24
N LYS B 5 0.44 -29.50 8.37
CA LYS B 5 1.81 -29.54 8.83
C LYS B 5 2.70 -28.67 7.94
N SER B 6 3.62 -27.97 8.58
CA SER B 6 4.54 -27.09 7.87
C SER B 6 5.80 -26.88 8.70
N GLU B 7 6.96 -27.04 8.07
CA GLU B 7 8.23 -26.82 8.76
C GLU B 7 9.23 -26.29 7.77
N ILE B 8 10.19 -25.52 8.24
CA ILE B 8 11.29 -25.16 7.38
C ILE B 8 12.24 -26.35 7.38
N VAL B 9 12.58 -26.89 6.22
CA VAL B 9 13.47 -28.03 6.17
C VAL B 9 14.93 -27.57 6.32
N ILE B 10 15.28 -26.60 5.50
CA ILE B 10 16.62 -26.02 5.52
C ILE B 10 16.68 -24.69 4.79
N SER B 11 17.67 -23.89 5.20
CA SER B 11 18.00 -22.66 4.55
C SER B 11 19.28 -23.01 3.82
N ALA B 12 19.13 -23.26 2.53
CA ALA B 12 20.18 -23.76 1.68
C ALA B 12 21.04 -22.66 1.07
N VAL B 13 22.27 -22.54 1.55
CA VAL B 13 23.19 -21.54 1.03
C VAL B 13 23.90 -22.06 -0.22
N LYS B 14 23.75 -23.35 -0.48
CA LYS B 14 24.36 -23.94 -1.70
C LYS B 14 23.53 -25.13 -2.22
N PRO B 15 23.66 -25.44 -3.50
CA PRO B 15 22.84 -26.50 -4.14
C PRO B 15 23.00 -27.87 -3.49
N GLU B 16 24.17 -28.14 -2.92
CA GLU B 16 24.38 -29.42 -2.30
C GLU B 16 23.41 -29.59 -1.15
N GLN B 17 22.90 -28.47 -0.63
CA GLN B 17 21.97 -28.51 0.51
C GLN B 17 20.52 -28.67 0.10
N TYR B 18 20.21 -28.51 -1.17
CA TYR B 18 18.81 -28.66 -1.63
C TYR B 18 18.31 -30.06 -1.29
N PRO B 19 17.07 -30.18 -0.84
CA PRO B 19 16.53 -31.49 -0.47
C PRO B 19 16.49 -32.51 -1.62
N GLU B 20 16.71 -33.78 -1.29
CA GLU B 20 16.69 -34.88 -2.21
C GLU B 20 15.55 -35.76 -1.82
N GLY B 21 15.06 -36.58 -2.75
CA GLY B 21 13.89 -37.39 -2.45
C GLY B 21 12.80 -37.27 -3.51
N GLY B 22 12.90 -36.26 -4.35
CA GLY B 22 11.98 -36.15 -5.44
C GLY B 22 10.60 -35.55 -5.16
N LEU B 23 10.37 -35.00 -3.96
CA LEU B 23 9.06 -34.38 -3.76
C LEU B 23 8.89 -33.22 -4.73
N PRO B 24 7.65 -33.01 -5.15
CA PRO B 24 7.31 -31.86 -6.02
C PRO B 24 7.66 -30.52 -5.37
N GLU B 25 8.15 -29.59 -6.18
CA GLU B 25 8.54 -28.29 -5.68
C GLU B 25 7.73 -27.18 -6.35
N ILE B 26 7.38 -26.18 -5.55
CA ILE B 26 6.78 -24.95 -6.03
C ILE B 26 7.74 -23.84 -5.53
N ALA B 27 8.28 -23.05 -6.45
CA ALA B 27 9.15 -21.97 -6.08
C ALA B 27 8.40 -20.63 -6.13
N LEU B 28 8.83 -19.73 -5.25
CA LEU B 28 8.20 -18.41 -5.17
C LEU B 28 9.21 -17.30 -5.34
N ALA B 29 8.87 -16.32 -6.16
CA ALA B 29 9.77 -15.24 -6.43
C ALA B 29 8.98 -13.96 -6.55
N GLY B 30 9.68 -12.85 -6.33
CA GLY B 30 9.04 -11.54 -6.39
C GLY B 30 10.04 -10.46 -6.03
N ARG B 31 9.62 -9.20 -6.08
CA ARG B 31 10.52 -8.12 -5.70
C ARG B 31 10.75 -8.10 -4.20
N SER B 32 9.69 -8.36 -3.47
CA SER B 32 9.69 -8.12 -2.03
C SER B 32 9.45 -9.37 -1.21
N ASN B 33 10.25 -9.55 -0.16
CA ASN B 33 10.08 -10.67 0.73
C ASN B 33 8.90 -10.51 1.69
N VAL B 34 8.56 -9.28 2.03
CA VAL B 34 7.45 -9.02 2.93
C VAL B 34 6.15 -9.55 2.33
N GLY B 35 5.83 -9.12 1.11
CA GLY B 35 4.63 -9.55 0.43
C GLY B 35 4.67 -11.04 0.12
N LYS B 36 5.85 -11.52 -0.21
CA LYS B 36 6.05 -12.94 -0.57
C LYS B 36 5.92 -13.82 0.68
N SER B 37 6.49 -13.35 1.79
CA SER B 37 6.31 -14.10 3.00
C SER B 37 4.84 -14.18 3.50
N SER B 38 4.10 -13.08 3.44
CA SER B 38 2.69 -13.07 3.84
C SER B 38 1.89 -14.01 2.99
N PHE B 39 2.14 -14.00 1.69
CA PHE B 39 1.43 -14.92 0.81
C PHE B 39 1.71 -16.35 1.29
N ILE B 40 2.98 -16.69 1.50
CA ILE B 40 3.34 -18.07 1.87
C ILE B 40 2.68 -18.47 3.18
N ASN B 41 2.83 -17.61 4.19
CA ASN B 41 2.27 -17.83 5.52
C ASN B 41 0.72 -17.91 5.49
N SER B 42 0.06 -17.08 4.67
CA SER B 42 -1.39 -17.22 4.47
C SER B 42 -1.77 -18.59 3.92
N LEU B 43 -1.03 -19.03 2.91
CA LEU B 43 -1.32 -20.32 2.28
C LEU B 43 -1.13 -21.52 3.20
N ILE B 44 -0.18 -21.43 4.12
CA ILE B 44 0.08 -22.57 4.98
C ILE B 44 -0.50 -22.46 6.37
N ASN B 45 -1.35 -21.47 6.59
CA ASN B 45 -1.93 -21.25 7.91
C ASN B 45 -0.87 -21.03 9.00
N ARG B 46 0.07 -20.13 8.77
CA ARG B 46 1.09 -19.80 9.75
C ARG B 46 1.21 -18.30 9.87
N LYS B 47 1.57 -17.84 11.07
CA LYS B 47 1.83 -16.43 11.24
C LYS B 47 3.15 -15.99 10.60
N ASN B 48 4.22 -16.74 10.84
CA ASN B 48 5.52 -16.32 10.30
C ASN B 48 6.58 -17.42 10.11
N LEU B 49 6.20 -18.52 9.49
CA LEU B 49 7.18 -19.53 9.16
C LEU B 49 8.17 -19.02 8.10
N ALA B 50 7.66 -18.38 7.06
CA ALA B 50 8.53 -17.82 6.03
C ALA B 50 9.03 -16.45 6.46
N ARG B 51 10.35 -16.26 6.48
CA ARG B 51 10.98 -15.02 6.95
C ARG B 51 12.20 -14.64 6.08
N THR B 52 12.19 -15.12 4.85
CA THR B 52 13.28 -14.93 3.89
C THR B 52 13.84 -13.51 3.77
N SER B 53 15.16 -13.40 3.67
CA SER B 53 15.79 -12.08 3.54
C SER B 53 16.57 -11.84 2.22
N SER B 54 16.70 -10.58 1.85
CA SER B 54 17.50 -10.20 0.67
C SER B 54 18.66 -9.26 1.03
N LYS B 55 18.98 -9.22 2.31
CA LYS B 55 20.13 -8.46 2.78
C LYS B 55 21.43 -9.01 2.21
N PRO B 56 22.43 -8.15 2.09
CA PRO B 56 23.74 -8.57 1.57
C PRO B 56 24.19 -9.81 2.33
N GLY B 57 24.70 -10.82 1.62
CA GLY B 57 25.08 -12.06 2.22
C GLY B 57 24.00 -13.13 2.21
N LYS B 58 22.72 -12.75 2.09
CA LYS B 58 21.63 -13.77 2.13
C LYS B 58 20.97 -14.05 0.78
N THR B 59 21.44 -13.42 -0.28
CA THR B 59 20.69 -13.53 -1.53
C THR B 59 20.74 -14.89 -2.22
N GLN B 60 21.72 -15.71 -1.92
CA GLN B 60 21.79 -16.97 -2.62
C GLN B 60 21.21 -18.10 -1.81
N THR B 61 20.57 -17.80 -0.69
CA THR B 61 19.98 -18.90 0.07
C THR B 61 18.49 -19.17 -0.20
N LEU B 62 18.18 -20.40 -0.60
CA LEU B 62 16.79 -20.77 -0.84
C LEU B 62 16.26 -21.42 0.41
N ASN B 63 15.07 -21.00 0.82
CA ASN B 63 14.39 -21.58 1.98
C ASN B 63 13.39 -22.66 1.51
N PHE B 64 13.56 -23.88 1.99
CA PHE B 64 12.64 -24.93 1.64
C PHE B 64 11.74 -25.22 2.79
N TYR B 65 10.43 -25.18 2.53
CA TYR B 65 9.42 -25.52 3.52
C TYR B 65 8.67 -26.75 3.05
N ILE B 66 8.52 -27.72 3.95
CA ILE B 66 7.80 -28.95 3.65
C ILE B 66 6.39 -28.84 4.19
N ILE B 67 5.44 -29.08 3.30
CA ILE B 67 4.01 -28.87 3.49
C ILE B 67 3.28 -30.21 3.39
N ASN B 68 2.62 -30.60 4.49
CA ASN B 68 1.91 -31.87 4.55
C ASN B 68 2.82 -33.03 4.24
N ASP B 69 4.11 -32.85 4.49
CA ASP B 69 5.11 -33.86 4.18
C ASP B 69 4.90 -34.46 2.77
N GLU B 70 4.51 -33.66 1.80
CA GLU B 70 4.33 -34.18 0.46
C GLU B 70 4.80 -33.23 -0.66
N LEU B 71 5.20 -32.03 -0.28
CA LEU B 71 5.73 -31.09 -1.25
C LEU B 71 6.54 -30.01 -0.55
N HIS B 72 7.44 -29.39 -1.30
CA HIS B 72 8.26 -28.29 -0.81
C HIS B 72 7.89 -26.96 -1.45
N PHE B 73 7.71 -25.92 -0.64
CA PHE B 73 7.67 -24.56 -1.16
C PHE B 73 9.15 -24.11 -1.12
N VAL B 74 9.61 -23.52 -2.20
CA VAL B 74 10.98 -23.06 -2.29
C VAL B 74 11.03 -21.51 -2.40
N ASP B 75 11.39 -20.84 -1.32
CA ASP B 75 11.34 -19.38 -1.27
C ASP B 75 12.62 -18.75 -1.82
N VAL B 76 12.52 -18.08 -2.96
CA VAL B 76 13.66 -17.41 -3.57
C VAL B 76 13.75 -15.97 -3.04
N PRO B 77 14.92 -15.56 -2.55
CA PRO B 77 15.08 -14.20 -2.06
C PRO B 77 14.62 -13.16 -3.10
N GLY B 78 13.91 -12.15 -2.62
CA GLY B 78 13.32 -11.10 -3.44
C GLY B 78 14.35 -10.36 -4.28
N TYR B 79 14.02 -10.08 -5.53
CA TYR B 79 15.00 -9.49 -6.41
C TYR B 79 14.93 -7.97 -6.43
N GLY B 80 14.12 -7.39 -5.56
CA GLY B 80 14.06 -5.93 -5.47
C GLY B 80 15.16 -5.52 -4.53
N PHE B 81 16.39 -5.80 -4.95
CA PHE B 81 17.55 -5.63 -4.10
C PHE B 81 17.80 -4.15 -3.69
N ALA B 82 18.10 -3.97 -2.42
CA ALA B 82 18.47 -2.65 -1.95
C ALA B 82 19.87 -2.80 -1.37
N LYS B 83 20.79 -2.02 -1.94
CA LYS B 83 22.21 -2.00 -1.62
C LYS B 83 22.94 -3.35 -1.56
N VAL B 84 22.65 -4.19 -2.54
CA VAL B 84 23.37 -5.44 -2.68
C VAL B 84 24.34 -5.12 -3.80
N SER B 85 25.58 -5.59 -3.66
CA SER B 85 26.64 -5.35 -4.61
C SER B 85 26.39 -5.98 -5.98
N LYS B 86 27.02 -5.38 -6.99
CA LYS B 86 26.92 -5.92 -8.32
C LYS B 86 27.23 -7.42 -8.28
N SER B 87 28.37 -7.76 -7.69
CA SER B 87 28.82 -9.14 -7.58
C SER B 87 27.81 -10.10 -6.97
N GLU B 88 27.17 -9.70 -5.87
CA GLU B 88 26.20 -10.55 -5.22
C GLU B 88 24.93 -10.69 -6.05
N ARG B 89 24.56 -9.63 -6.77
CA ARG B 89 23.39 -9.68 -7.61
C ARG B 89 23.62 -10.67 -8.73
N GLU B 90 24.85 -10.70 -9.23
CA GLU B 90 25.20 -11.63 -10.29
C GLU B 90 25.24 -13.06 -9.73
N ALA B 91 25.68 -13.21 -8.49
CA ALA B 91 25.68 -14.54 -7.87
C ALA B 91 24.25 -15.07 -7.72
N TRP B 92 23.34 -14.21 -7.27
CA TRP B 92 21.93 -14.55 -7.19
C TRP B 92 21.45 -15.05 -8.55
N GLY B 93 21.86 -14.34 -9.60
CA GLY B 93 21.48 -14.68 -10.98
C GLY B 93 21.95 -16.05 -11.43
N ARG B 94 23.18 -16.43 -11.11
CA ARG B 94 23.66 -17.74 -11.49
C ARG B 94 22.92 -18.79 -10.67
N MET B 95 22.66 -18.47 -9.42
CA MET B 95 21.95 -19.38 -8.54
C MET B 95 20.54 -19.68 -9.08
N ILE B 96 19.79 -18.64 -9.40
CA ILE B 96 18.44 -18.84 -9.85
C ILE B 96 18.42 -19.48 -11.25
N GLU B 97 19.33 -19.07 -12.15
CA GLU B 97 19.42 -19.70 -13.47
C GLU B 97 19.70 -21.19 -13.36
N THR B 98 20.62 -21.56 -12.48
CA THR B 98 20.98 -22.95 -12.32
C THR B 98 19.79 -23.74 -11.76
N TYR B 99 19.18 -23.21 -10.71
CA TYR B 99 17.97 -23.83 -10.15
C TYR B 99 16.89 -24.04 -11.24
N ILE B 100 16.46 -22.97 -11.89
CA ILE B 100 15.40 -23.07 -12.90
C ILE B 100 15.72 -24.08 -14.01
N THR B 101 16.94 -24.05 -14.55
CA THR B 101 17.26 -24.91 -15.67
C THR B 101 17.58 -26.37 -15.33
N THR B 102 17.85 -26.69 -14.06
CA THR B 102 18.20 -28.07 -13.74
C THR B 102 17.39 -28.80 -12.66
N ARG B 103 16.50 -28.08 -11.95
CA ARG B 103 15.68 -28.70 -10.90
C ARG B 103 14.50 -29.51 -11.46
N GLU B 104 14.68 -30.83 -11.48
CA GLU B 104 13.67 -31.75 -11.96
C GLU B 104 12.40 -31.68 -11.15
N GLU B 105 12.52 -31.40 -9.86
CA GLU B 105 11.41 -31.35 -8.96
C GLU B 105 10.49 -30.14 -9.18
N LEU B 106 10.98 -29.11 -9.87
CA LEU B 106 10.19 -27.88 -10.02
C LEU B 106 8.94 -28.02 -10.90
N LYS B 107 7.76 -27.80 -10.33
CA LYS B 107 6.52 -27.95 -11.08
C LYS B 107 5.92 -26.62 -11.56
N ALA B 108 6.28 -25.54 -10.88
CA ALA B 108 5.79 -24.23 -11.25
C ALA B 108 6.44 -23.23 -10.31
N VAL B 109 6.44 -21.97 -10.72
CA VAL B 109 6.91 -20.86 -9.90
C VAL B 109 5.72 -19.94 -9.69
N VAL B 110 5.51 -19.54 -8.45
CA VAL B 110 4.53 -18.52 -8.15
C VAL B 110 5.26 -17.19 -8.14
N GLN B 111 4.90 -16.30 -9.06
CA GLN B 111 5.48 -14.95 -9.07
C GLN B 111 4.51 -13.98 -8.45
N ILE B 112 4.99 -13.29 -7.44
CA ILE B 112 4.18 -12.36 -6.67
C ILE B 112 4.42 -10.92 -7.12
N VAL B 113 3.34 -10.21 -7.39
CA VAL B 113 3.38 -8.79 -7.74
C VAL B 113 2.27 -8.05 -6.96
N ASP B 114 2.46 -6.76 -6.72
CA ASP B 114 1.48 -5.92 -6.02
C ASP B 114 0.48 -5.48 -7.06
N LEU B 115 -0.80 -5.73 -6.80
CA LEU B 115 -1.83 -5.43 -7.79
C LEU B 115 -1.98 -3.91 -8.06
N ARG B 116 -1.51 -3.13 -7.11
CA ARG B 116 -1.66 -1.66 -7.12
C ARG B 116 -0.85 -0.94 -8.16
N HIS B 117 0.24 -1.57 -8.64
CA HIS B 117 1.03 -0.89 -9.65
C HIS B 117 1.46 -1.80 -10.81
N ALA B 118 1.94 -1.21 -11.89
CA ALA B 118 2.43 -2.03 -13.02
C ALA B 118 3.66 -2.83 -12.56
N PRO B 119 3.72 -4.11 -12.85
CA PRO B 119 4.93 -4.86 -12.50
C PRO B 119 6.13 -4.08 -13.03
N SER B 120 7.27 -4.21 -12.36
CA SER B 120 8.48 -3.48 -12.73
C SER B 120 9.23 -4.20 -13.87
N ASN B 121 10.29 -3.56 -14.41
CA ASN B 121 11.10 -4.20 -15.45
C ASN B 121 11.70 -5.50 -14.89
N ASP B 122 12.10 -5.48 -13.63
CA ASP B 122 12.57 -6.70 -13.01
C ASP B 122 11.52 -7.81 -13.01
N ASP B 123 10.29 -7.45 -12.67
CA ASP B 123 9.19 -8.41 -12.71
C ASP B 123 9.04 -9.01 -14.12
N VAL B 124 9.11 -8.14 -15.13
CA VAL B 124 8.93 -8.55 -16.51
C VAL B 124 10.07 -9.46 -16.89
N GLN B 125 11.29 -9.07 -16.55
CA GLN B 125 12.44 -9.89 -16.91
C GLN B 125 12.41 -11.26 -16.25
N MET B 126 11.92 -11.31 -15.01
CA MET B 126 11.78 -12.59 -14.31
C MET B 126 10.73 -13.45 -15.03
N TYR B 127 9.60 -12.85 -15.38
CA TYR B 127 8.56 -13.60 -16.09
C TYR B 127 9.10 -14.10 -17.44
N GLU B 128 9.79 -13.25 -18.18
CA GLU B 128 10.31 -13.62 -19.49
C GLU B 128 11.32 -14.76 -19.37
N PHE B 129 12.15 -14.69 -18.35
CA PHE B 129 13.15 -15.73 -18.08
C PHE B 129 12.44 -17.06 -17.78
N LEU B 130 11.44 -17.06 -16.90
CA LEU B 130 10.70 -18.31 -16.63
C LEU B 130 10.00 -18.91 -17.91
N LYS B 131 9.35 -18.07 -18.73
CA LYS B 131 8.66 -18.57 -19.91
C LYS B 131 9.61 -19.14 -20.97
N TYR B 132 10.82 -18.57 -21.04
CA TYR B 132 11.79 -19.07 -22.00
C TYR B 132 12.13 -20.51 -21.67
N TYR B 133 12.23 -20.82 -20.39
CA TYR B 133 12.56 -22.15 -19.97
C TYR B 133 11.38 -23.09 -19.80
N GLY B 134 10.20 -22.61 -20.17
CA GLY B 134 8.99 -23.41 -20.14
C GLY B 134 8.41 -23.70 -18.77
N ILE B 135 8.82 -22.93 -17.76
CA ILE B 135 8.30 -23.13 -16.40
C ILE B 135 6.88 -22.61 -16.28
N PRO B 136 5.90 -23.42 -15.86
CA PRO B 136 4.54 -22.93 -15.61
C PRO B 136 4.58 -21.85 -14.52
N VAL B 137 3.82 -20.78 -14.69
CA VAL B 137 3.83 -19.70 -13.71
C VAL B 137 2.44 -19.37 -13.24
N ILE B 138 2.29 -19.20 -11.93
CA ILE B 138 1.07 -18.70 -11.34
C ILE B 138 1.35 -17.28 -10.87
N VAL B 139 0.74 -16.32 -11.53
CA VAL B 139 1.00 -14.95 -11.12
C VAL B 139 0.02 -14.60 -10.03
N ILE B 140 0.56 -14.25 -8.88
CA ILE B 140 -0.28 -13.79 -7.79
C ILE B 140 -0.14 -12.26 -7.68
N ALA B 141 -1.27 -11.55 -7.76
CA ALA B 141 -1.25 -10.09 -7.61
C ALA B 141 -1.87 -9.77 -6.24
N THR B 142 -1.01 -9.37 -5.31
CA THR B 142 -1.36 -9.18 -3.91
C THR B 142 -1.96 -7.81 -3.62
N LYS B 143 -2.34 -7.58 -2.35
CA LYS B 143 -2.90 -6.29 -1.94
C LYS B 143 -4.23 -5.93 -2.60
N ALA B 144 -5.00 -6.96 -2.98
CA ALA B 144 -6.29 -6.74 -3.65
C ALA B 144 -7.24 -5.94 -2.75
N ASP B 145 -7.10 -6.14 -1.46
CA ASP B 145 -7.90 -5.41 -0.50
C ASP B 145 -7.58 -3.91 -0.43
N LYS B 146 -6.53 -3.47 -1.11
CA LYS B 146 -6.17 -2.05 -1.11
C LYS B 146 -6.82 -1.33 -2.28
N ILE B 147 -7.53 -2.07 -3.11
CA ILE B 147 -8.17 -1.49 -4.26
C ILE B 147 -9.61 -1.88 -4.17
N PRO B 148 -10.50 -0.92 -4.41
CA PRO B 148 -11.94 -1.19 -4.40
C PRO B 148 -12.20 -2.22 -5.48
N LYS B 149 -13.04 -3.18 -5.15
CA LYS B 149 -13.26 -4.32 -6.00
C LYS B 149 -13.72 -3.92 -7.38
N GLY B 150 -14.44 -2.80 -7.48
CA GLY B 150 -14.88 -2.29 -8.76
C GLY B 150 -13.78 -1.86 -9.70
N LYS B 151 -12.55 -1.77 -9.21
CA LYS B 151 -11.42 -1.43 -10.07
C LYS B 151 -10.43 -2.60 -10.23
N TRP B 152 -10.82 -3.79 -9.77
CA TRP B 152 -9.91 -4.93 -9.91
C TRP B 152 -9.56 -5.24 -11.37
N ASP B 153 -10.54 -5.24 -12.27
CA ASP B 153 -10.28 -5.55 -13.69
C ASP B 153 -9.23 -4.63 -14.30
N LYS B 154 -9.34 -3.33 -14.03
CA LYS B 154 -8.43 -2.32 -14.56
C LYS B 154 -7.00 -2.64 -14.18
N HIS B 155 -6.80 -2.89 -12.89
CA HIS B 155 -5.48 -3.21 -12.34
C HIS B 155 -4.97 -4.58 -12.82
N ALA B 156 -5.87 -5.56 -12.94
CA ALA B 156 -5.48 -6.90 -13.36
C ALA B 156 -4.99 -6.88 -14.80
N LYS B 157 -5.65 -6.07 -15.61
CA LYS B 157 -5.31 -5.90 -17.00
C LYS B 157 -3.89 -5.37 -17.16
N VAL B 158 -3.54 -4.37 -16.34
CA VAL B 158 -2.19 -3.80 -16.38
C VAL B 158 -1.16 -4.87 -16.08
N VAL B 159 -1.41 -5.70 -15.06
CA VAL B 159 -0.49 -6.76 -14.67
C VAL B 159 -0.33 -7.74 -15.81
N ARG B 160 -1.48 -8.16 -16.35
CA ARG B 160 -1.53 -9.11 -17.46
C ARG B 160 -0.81 -8.62 -18.70
N GLN B 161 -1.01 -7.35 -19.06
CA GLN B 161 -0.43 -6.80 -20.30
C GLN B 161 1.02 -6.42 -20.11
N THR B 162 1.40 -6.07 -18.89
CA THR B 162 2.77 -5.71 -18.62
C THR B 162 3.65 -6.93 -18.68
N LEU B 163 3.18 -8.00 -18.05
CA LEU B 163 3.91 -9.27 -18.09
C LEU B 163 3.66 -10.02 -19.43
N ASN B 164 2.54 -9.72 -20.09
CA ASN B 164 2.10 -10.48 -21.26
C ASN B 164 1.96 -11.95 -20.87
N ILE B 165 1.13 -12.18 -19.84
CA ILE B 165 0.95 -13.51 -19.30
C ILE B 165 0.49 -14.52 -20.35
N ASP B 166 1.20 -15.62 -20.42
CA ASP B 166 0.85 -16.72 -21.29
C ASP B 166 -0.56 -17.21 -20.95
N PRO B 167 -1.38 -17.42 -21.97
CA PRO B 167 -2.75 -17.91 -21.74
C PRO B 167 -2.76 -19.20 -20.91
N GLU B 168 -1.66 -19.97 -21.00
CA GLU B 168 -1.52 -21.19 -20.22
C GLU B 168 -1.29 -20.97 -18.73
N ASP B 169 -0.79 -19.78 -18.38
CA ASP B 169 -0.52 -19.49 -16.97
C ASP B 169 -1.78 -18.97 -16.32
N GLU B 170 -1.72 -18.72 -15.02
CA GLU B 170 -2.90 -18.19 -14.32
C GLU B 170 -2.62 -16.86 -13.62
N LEU B 171 -3.61 -16.00 -13.57
CA LEU B 171 -3.50 -14.76 -12.83
C LEU B 171 -4.54 -14.77 -11.72
N ILE B 172 -4.08 -14.70 -10.48
CA ILE B 172 -4.95 -14.77 -9.35
C ILE B 172 -4.79 -13.57 -8.46
N LEU B 173 -5.89 -12.88 -8.20
CA LEU B 173 -5.94 -11.72 -7.30
C LEU B 173 -5.99 -12.23 -5.86
N PHE B 174 -5.17 -11.62 -5.01
CA PHE B 174 -5.02 -12.15 -3.67
C PHE B 174 -4.98 -11.08 -2.62
N SER B 175 -5.45 -11.45 -1.44
CA SER B 175 -5.35 -10.61 -0.26
C SER B 175 -5.11 -11.43 0.99
N SER B 176 -3.98 -11.22 1.65
CA SER B 176 -3.72 -11.92 2.92
C SER B 176 -4.66 -11.45 4.04
N GLU B 177 -5.29 -10.29 3.90
CA GLU B 177 -6.18 -9.84 4.93
C GLU B 177 -7.52 -10.55 4.84
N THR B 178 -8.05 -10.60 3.63
CA THR B 178 -9.34 -11.21 3.32
C THR B 178 -9.28 -12.72 3.00
N LYS B 179 -8.09 -13.19 2.64
CA LYS B 179 -7.87 -14.58 2.18
C LYS B 179 -8.41 -14.79 0.75
N LYS B 180 -8.94 -13.74 0.15
CA LYS B 180 -9.38 -13.77 -1.25
C LYS B 180 -8.23 -14.37 -2.09
N GLY B 181 -8.53 -15.40 -2.88
CA GLY B 181 -7.56 -16.02 -3.75
C GLY B 181 -6.67 -17.11 -3.16
N LYS B 182 -6.70 -17.28 -1.85
CA LYS B 182 -5.89 -18.32 -1.22
C LYS B 182 -6.31 -19.72 -1.67
N ASP B 183 -7.59 -20.04 -1.61
CA ASP B 183 -8.06 -21.37 -2.05
C ASP B 183 -7.83 -21.57 -3.55
N GLU B 184 -8.04 -20.50 -4.32
CA GLU B 184 -7.80 -20.57 -5.75
C GLU B 184 -6.31 -20.85 -6.00
N ALA B 185 -5.42 -20.19 -5.29
CA ALA B 185 -3.98 -20.41 -5.47
C ALA B 185 -3.62 -21.90 -5.22
N TRP B 186 -4.13 -22.45 -4.13
CA TRP B 186 -3.91 -23.89 -3.83
C TRP B 186 -4.45 -24.75 -4.96
N GLY B 187 -5.59 -24.36 -5.52
CA GLY B 187 -6.14 -25.10 -6.64
C GLY B 187 -5.17 -25.11 -7.81
N ALA B 188 -4.63 -23.94 -8.14
CA ALA B 188 -3.67 -23.86 -9.22
C ALA B 188 -2.40 -24.64 -8.92
N ILE B 189 -1.95 -24.59 -7.67
CA ILE B 189 -0.72 -25.26 -7.26
C ILE B 189 -0.89 -26.76 -7.43
N LYS B 190 -2.06 -27.24 -7.02
CA LYS B 190 -2.42 -28.63 -7.14
C LYS B 190 -2.43 -29.11 -8.58
N LYS B 191 -2.97 -28.29 -9.46
CA LYS B 191 -3.01 -28.62 -10.89
C LYS B 191 -1.59 -28.72 -11.44
N MET B 192 -0.76 -27.75 -11.07
CA MET B 192 0.60 -27.70 -11.55
C MET B 192 1.39 -28.91 -11.13
N ILE B 193 1.18 -29.36 -9.92
CA ILE B 193 1.91 -30.52 -9.47
C ILE B 193 1.51 -31.85 -10.15
N ASN B 194 0.22 -32.05 -10.39
CA ASN B 194 -0.25 -33.29 -10.99
C ASN B 194 -0.21 -33.29 -12.53
N ARG B 195 0.48 -32.30 -13.09
CA ARG B 195 0.59 -32.22 -14.55
C ARG B 195 1.28 -33.44 -15.11
#